data_3V9M
#
_entry.id   3V9M
#
_cell.length_a   82.380
_cell.length_b   82.380
_cell.length_c   28.900
_cell.angle_alpha   90.00
_cell.angle_beta   90.00
_cell.angle_gamma   120.00
#
_symmetry.space_group_name_H-M   'P 31'
#
loop_
_entity.id
_entity.type
_entity.pdbx_description
1 polymer 'Phospholipase A2 isozyme PA-11'
2 non-polymer 1,2-ETHANEDIOL
3 non-polymer 'SULFATE ION'
4 non-polymer 'CALCIUM ION'
5 non-polymer DI(HYDROXYETHYL)ETHER
6 water water
#
_entity_poly.entity_id   1
_entity_poly.type   'polypeptide(L)'
_entity_poly.pdbx_seq_one_letter_code
;NLIQFGNMIQCANKGSRPSLDYADYGCYCGWGGSGTPVDELDRCCQVHDNCYEQAGKKGCFPKLTLYSWKCTGNVPTCNS
KPGCKSFVCACDAAAAKCFAKAPYKKENYNIDTKKRCK
;
_entity_poly.pdbx_strand_id   A,B
#
# COMPACT_ATOMS: atom_id res chain seq x y z
N ASN A 1 5.77 -9.70 -2.51
CA ASN A 1 4.90 -10.75 -3.02
C ASN A 1 3.77 -10.15 -3.85
N LEU A 2 2.97 -10.99 -4.52
CA LEU A 2 1.98 -10.46 -5.45
C LEU A 2 0.94 -9.53 -4.80
N ILE A 3 0.53 -9.82 -3.56
CA ILE A 3 -0.37 -8.91 -2.85
C ILE A 3 0.25 -7.51 -2.65
N GLN A 4 1.49 -7.46 -2.18
CA GLN A 4 2.21 -6.20 -2.05
C GLN A 4 2.32 -5.43 -3.36
N PHE A 5 2.61 -6.15 -4.45
CA PHE A 5 2.68 -5.57 -5.77
C PHE A 5 1.34 -4.92 -6.13
N GLY A 6 0.25 -5.59 -5.84
CA GLY A 6 -1.06 -5.02 -6.08
C GLY A 6 -1.22 -3.75 -5.27
N ASN A 7 -0.72 -3.77 -4.04
CA ASN A 7 -0.81 -2.57 -3.22
C ASN A 7 0.04 -1.43 -3.79
N MET A 8 1.18 -1.78 -4.38
CA MET A 8 2.05 -0.77 -5.00
C MET A 8 1.37 -0.14 -6.20
N ILE A 9 0.68 -0.97 -6.99
CA ILE A 9 -0.03 -0.47 -8.15
C ILE A 9 -1.06 0.60 -7.75
N GLN A 10 -1.82 0.32 -6.69
CA GLN A 10 -2.81 1.27 -6.17
C GLN A 10 -2.13 2.53 -5.64
N CYS A 11 -0.94 2.34 -5.06
CA CYS A 11 -0.18 3.47 -4.55
C CYS A 11 0.18 4.45 -5.66
N ALA A 12 0.78 3.92 -6.72
CA ALA A 12 1.27 4.72 -7.83
C ALA A 12 0.17 5.36 -8.69
N ASN A 13 -0.96 4.66 -8.83
CA ASN A 13 -2.05 5.18 -9.67
C ASN A 13 -3.16 5.88 -8.88
N LYS A 14 -2.89 6.17 -7.61
CA LYS A 14 -3.84 6.85 -6.73
C LYS A 14 -5.21 6.16 -6.72
N GLY A 15 -5.18 4.85 -6.88
CA GLY A 15 -6.37 4.02 -6.80
C GLY A 15 -7.31 4.17 -7.98
N SER A 16 -6.79 4.68 -9.09
CA SER A 16 -7.64 4.99 -10.24
C SER A 16 -8.08 3.75 -11.01
N ARG A 17 -7.31 2.66 -10.90
CA ARG A 17 -7.66 1.43 -11.60
C ARG A 17 -7.31 0.20 -10.77
N PRO A 18 -8.25 -0.74 -10.66
CA PRO A 18 -8.03 -1.95 -9.86
C PRO A 18 -6.82 -2.75 -10.33
N SER A 19 -6.16 -3.42 -9.39
CA SER A 19 -4.95 -4.17 -9.69
C SER A 19 -5.22 -5.35 -10.62
N LEU A 20 -6.38 -5.97 -10.45
CA LEU A 20 -6.74 -7.14 -11.24
C LEU A 20 -6.77 -6.83 -12.73
N ASP A 21 -6.98 -5.56 -13.09
CA ASP A 21 -7.07 -5.18 -14.50
C ASP A 21 -5.75 -5.42 -15.23
N TYR A 22 -4.67 -5.57 -14.45
CA TYR A 22 -3.32 -5.74 -14.98
C TYR A 22 -2.84 -7.18 -14.91
N ALA A 23 -3.69 -8.10 -14.47
CA ALA A 23 -3.24 -9.47 -14.23
C ALA A 23 -3.33 -10.34 -15.47
N ASP A 24 -4.01 -9.84 -16.50
CA ASP A 24 -4.13 -10.57 -17.76
C ASP A 24 -4.28 -9.54 -18.88
N TYR A 25 -3.16 -8.99 -19.31
CA TYR A 25 -3.21 -7.90 -20.27
C TYR A 25 -2.08 -8.06 -21.28
N GLY A 26 -2.38 -7.87 -22.56
CA GLY A 26 -1.37 -7.96 -23.59
C GLY A 26 -0.67 -9.32 -23.59
N CYS A 27 0.60 -9.31 -24.02
CA CYS A 27 1.40 -10.52 -24.15
C CYS A 27 2.24 -10.80 -22.91
N TYR A 28 2.43 -9.80 -22.05
CA TYR A 28 3.33 -9.93 -20.90
C TYR A 28 2.75 -9.75 -19.50
N CYS A 29 1.63 -9.04 -19.39
CA CYS A 29 1.03 -8.79 -18.08
C CYS A 29 0.29 -10.03 -17.63
N GLY A 30 0.82 -10.72 -16.63
CA GLY A 30 0.23 -11.98 -16.20
C GLY A 30 1.09 -13.15 -16.61
N TRP A 31 0.49 -14.32 -16.77
CA TRP A 31 1.27 -15.53 -17.00
C TRP A 31 2.11 -15.47 -18.28
N GLY A 32 1.61 -14.78 -19.29
CA GLY A 32 2.34 -14.62 -20.54
C GLY A 32 3.74 -14.06 -20.35
N GLY A 33 4.61 -14.34 -21.31
CA GLY A 33 5.92 -13.73 -21.34
C GLY A 33 6.63 -13.92 -22.67
N SER A 34 5.92 -13.74 -23.78
CA SER A 34 6.51 -13.92 -25.11
C SER A 34 5.95 -12.99 -26.19
N GLY A 35 6.74 -12.81 -27.24
CA GLY A 35 6.33 -12.07 -28.42
C GLY A 35 6.57 -10.58 -28.29
N THR A 36 5.97 -9.80 -29.18
CA THR A 36 6.11 -8.36 -29.12
C THR A 36 4.99 -7.77 -28.28
N PRO A 37 5.36 -6.94 -27.29
CA PRO A 37 4.34 -6.30 -26.46
C PRO A 37 3.39 -5.49 -27.32
N VAL A 38 2.12 -5.48 -26.94
CA VAL A 38 1.09 -4.92 -27.82
C VAL A 38 0.97 -3.41 -27.70
N ASP A 39 1.42 -2.84 -26.59
CA ASP A 39 1.31 -1.40 -26.36
C ASP A 39 2.24 -0.91 -25.26
N GLU A 40 2.10 0.35 -24.86
CA GLU A 40 2.98 0.92 -23.82
C GLU A 40 2.86 0.20 -22.46
N LEU A 41 1.62 -0.08 -22.04
CA LEU A 41 1.45 -0.79 -20.79
C LEU A 41 2.09 -2.18 -20.88
N ASP A 42 1.87 -2.86 -21.99
CA ASP A 42 2.42 -4.21 -22.14
C ASP A 42 3.96 -4.17 -22.08
N ARG A 43 4.57 -3.10 -22.59
CA ARG A 43 6.02 -2.94 -22.47
C ARG A 43 6.48 -2.86 -21.00
N CYS A 44 5.72 -2.18 -20.16
CA CYS A 44 6.00 -2.18 -18.71
C CYS A 44 6.10 -3.63 -18.20
N CYS A 45 5.19 -4.48 -18.65
CA CYS A 45 5.12 -5.84 -18.13
C CYS A 45 6.26 -6.68 -18.65
N GLN A 46 6.67 -6.42 -19.89
CA GLN A 46 7.86 -7.05 -20.45
C GLN A 46 9.09 -6.75 -19.59
N VAL A 47 9.29 -5.48 -19.24
CA VAL A 47 10.41 -5.09 -18.37
C VAL A 47 10.32 -5.79 -17.01
N HIS A 48 9.11 -5.86 -16.47
CA HIS A 48 8.87 -6.52 -15.18
C HIS A 48 9.14 -8.03 -15.24
N ASP A 49 8.77 -8.67 -16.36
CA ASP A 49 9.05 -10.08 -16.56
C ASP A 49 10.57 -10.30 -16.58
N ASN A 50 11.28 -9.41 -17.27
CA ASN A 50 12.73 -9.49 -17.35
C ASN A 50 13.33 -9.37 -15.95
N CYS A 51 12.76 -8.45 -15.16
CA CYS A 51 13.23 -8.22 -13.80
C CYS A 51 12.99 -9.45 -12.95
N TYR A 52 11.83 -10.08 -13.13
CA TYR A 52 11.52 -11.28 -12.36
C TYR A 52 12.43 -12.44 -12.75
N GLU A 53 12.78 -12.53 -14.02
CA GLU A 53 13.71 -13.57 -14.46
C GLU A 53 15.08 -13.36 -13.81
N GLN A 54 15.51 -12.10 -13.74
CA GLN A 54 16.76 -11.77 -13.05
C GLN A 54 16.70 -12.13 -11.56
N ALA A 55 15.57 -11.86 -10.92
CA ALA A 55 15.39 -12.21 -9.50
C ALA A 55 15.52 -13.73 -9.28
N GLY A 56 14.87 -14.49 -10.15
CA GLY A 56 14.97 -15.94 -10.09
C GLY A 56 16.40 -16.39 -10.19
N LYS A 57 17.14 -15.80 -11.14
CA LYS A 57 18.53 -16.19 -11.35
C LYS A 57 19.40 -15.79 -10.16
N LYS A 58 18.97 -14.76 -9.42
CA LYS A 58 19.59 -14.39 -8.13
C LYS A 58 19.20 -15.37 -7.03
N GLY A 59 18.27 -16.28 -7.33
CA GLY A 59 17.84 -17.31 -6.41
C GLY A 59 16.57 -16.96 -5.67
N CYS A 60 15.86 -15.94 -6.17
CA CYS A 60 14.64 -15.46 -5.53
C CYS A 60 13.39 -16.08 -6.13
N PHE A 61 12.33 -16.13 -5.34
CA PHE A 61 11.00 -16.49 -5.78
C PHE A 61 10.12 -15.24 -5.69
N PRO A 62 10.13 -14.41 -6.75
CA PRO A 62 9.57 -13.05 -6.73
C PRO A 62 8.07 -12.98 -6.39
N LYS A 63 7.32 -14.03 -6.69
CA LYS A 63 5.89 -14.00 -6.38
C LYS A 63 5.66 -14.09 -4.87
N LEU A 64 6.65 -14.68 -4.19
CA LEU A 64 6.57 -15.01 -2.77
C LEU A 64 7.36 -14.06 -1.87
N THR A 65 8.42 -13.47 -2.41
CA THR A 65 9.31 -12.63 -1.62
C THR A 65 8.54 -11.59 -0.80
N LEU A 66 8.80 -11.54 0.50
CA LEU A 66 8.07 -10.65 1.40
C LEU A 66 8.97 -9.51 1.83
N TYR A 67 8.84 -8.38 1.15
CA TYR A 67 9.72 -7.24 1.39
C TYR A 67 9.06 -6.16 2.24
N SER A 68 9.80 -5.07 2.46
CA SER A 68 9.27 -3.90 3.15
C SER A 68 9.25 -2.71 2.21
N TRP A 69 8.08 -2.09 2.05
CA TRP A 69 7.93 -0.95 1.15
C TRP A 69 6.96 0.08 1.75
N LYS A 70 7.14 1.35 1.34
CA LYS A 70 6.28 2.45 1.78
C LYS A 70 5.72 3.23 0.59
N CYS A 71 4.43 3.52 0.64
CA CYS A 71 3.86 4.42 -0.35
C CYS A 71 4.11 5.84 0.15
N THR A 72 5.09 6.51 -0.44
CA THR A 72 5.49 7.83 -0.01
C THR A 72 5.12 8.90 -1.04
N GLY A 73 4.06 9.65 -0.75
CA GLY A 73 3.58 10.65 -1.68
C GLY A 73 3.25 10.06 -3.04
N ASN A 74 2.51 8.96 -3.03
CA ASN A 74 2.07 8.28 -4.25
C ASN A 74 3.18 7.60 -5.03
N VAL A 75 4.31 7.37 -4.37
CA VAL A 75 5.47 6.70 -4.97
C VAL A 75 5.87 5.46 -4.17
N PRO A 76 5.68 4.26 -4.75
CA PRO A 76 6.08 3.05 -4.04
C PRO A 76 7.59 3.03 -3.85
N THR A 77 8.02 2.93 -2.59
CA THR A 77 9.42 3.07 -2.23
C THR A 77 9.90 1.89 -1.41
N CYS A 78 11.00 1.27 -1.83
CA CYS A 78 11.50 0.10 -1.12
C CYS A 78 12.29 0.47 0.14
N ASN A 79 11.96 -0.22 1.23
CA ASN A 79 12.65 -0.07 2.51
C ASN A 79 13.69 -1.16 2.70
N SER A 80 13.37 -2.36 2.25
CA SER A 80 14.34 -3.45 2.22
C SER A 80 15.60 -3.00 1.50
N LYS A 81 16.75 -3.27 2.11
CA LYS A 81 18.02 -2.81 1.57
C LYS A 81 18.83 -3.93 0.89
N PRO A 82 18.69 -5.17 1.38
CA PRO A 82 19.52 -6.23 0.78
C PRO A 82 18.76 -7.43 0.21
N GLY A 83 19.49 -8.24 -0.54
CA GLY A 83 19.05 -9.56 -0.97
C GLY A 83 17.89 -9.61 -1.92
N CYS A 84 17.14 -10.69 -1.83
CA CYS A 84 15.97 -10.87 -2.67
C CYS A 84 14.89 -9.85 -2.36
N LYS A 85 14.73 -9.53 -1.08
CA LYS A 85 13.73 -8.53 -0.70
C LYS A 85 13.92 -7.17 -1.39
N SER A 86 15.15 -6.67 -1.42
CA SER A 86 15.37 -5.37 -2.04
C SER A 86 15.23 -5.46 -3.55
N PHE A 87 15.71 -6.55 -4.13
CA PHE A 87 15.71 -6.67 -5.59
C PHE A 87 14.31 -6.83 -6.15
N VAL A 88 13.55 -7.76 -5.57
CA VAL A 88 12.18 -7.98 -5.97
C VAL A 88 11.34 -6.73 -5.72
N CYS A 89 11.60 -6.05 -4.61
CA CYS A 89 10.85 -4.81 -4.32
C CYS A 89 11.05 -3.80 -5.43
N ALA A 90 12.30 -3.63 -5.84
CA ALA A 90 12.63 -2.70 -6.92
C ALA A 90 11.89 -3.03 -8.22
N CYS A 91 11.85 -4.32 -8.58
CA CYS A 91 11.10 -4.76 -9.76
C CYS A 91 9.67 -4.30 -9.68
N ASP A 92 9.05 -4.56 -8.54
CA ASP A 92 7.63 -4.20 -8.35
C ASP A 92 7.41 -2.70 -8.35
N ALA A 93 8.25 -1.95 -7.65
CA ALA A 93 8.09 -0.50 -7.58
C ALA A 93 8.16 0.13 -8.96
N ALA A 94 9.13 -0.33 -9.76
CA ALA A 94 9.33 0.22 -11.09
C ALA A 94 8.14 -0.07 -12.01
N ALA A 95 7.63 -1.30 -11.96
CA ALA A 95 6.44 -1.66 -12.72
C ALA A 95 5.23 -0.84 -12.29
N ALA A 96 5.01 -0.69 -10.98
CA ALA A 96 3.89 0.10 -10.50
C ALA A 96 3.94 1.53 -11.05
N LYS A 97 5.13 2.14 -11.03
CA LYS A 97 5.25 3.49 -11.56
C LYS A 97 5.00 3.51 -13.07
N CYS A 98 5.50 2.47 -13.75
CA CYS A 98 5.31 2.34 -15.20
C CYS A 98 3.82 2.19 -15.56
N PHE A 99 3.10 1.37 -14.81
CA PHE A 99 1.68 1.16 -15.07
C PHE A 99 0.91 2.48 -14.93
N ALA A 100 1.26 3.25 -13.91
CA ALA A 100 0.53 4.48 -13.59
C ALA A 100 0.64 5.53 -14.66
N LYS A 101 1.77 5.54 -15.39
CA LYS A 101 1.94 6.55 -16.44
C LYS A 101 1.52 6.04 -17.83
N ALA A 102 1.32 4.74 -17.96
CA ALA A 102 0.89 4.15 -19.23
C ALA A 102 -0.62 4.20 -19.41
N PRO A 103 -1.07 4.38 -20.66
CA PRO A 103 -2.51 4.39 -20.92
C PRO A 103 -3.05 2.97 -20.97
N TYR A 104 -4.16 2.73 -20.27
CA TYR A 104 -4.78 1.43 -20.26
C TYR A 104 -5.76 1.32 -21.43
N LYS A 105 -5.61 0.27 -22.22
CA LYS A 105 -6.46 0.08 -23.39
C LYS A 105 -7.19 -1.26 -23.27
N LYS A 106 -8.47 -1.20 -22.91
CA LYS A 106 -9.19 -2.43 -22.57
C LYS A 106 -9.24 -3.46 -23.71
N GLU A 107 -9.08 -3.01 -24.95
CA GLU A 107 -9.05 -3.93 -26.09
C GLU A 107 -7.87 -4.89 -25.99
N ASN A 108 -6.88 -4.55 -25.16
CA ASN A 108 -5.70 -5.40 -24.99
C ASN A 108 -5.78 -6.25 -23.74
N TYR A 109 -6.82 -6.05 -22.95
CA TYR A 109 -7.05 -6.91 -21.80
C TYR A 109 -7.51 -8.31 -22.23
N ASN A 110 -6.92 -9.33 -21.61
CA ASN A 110 -7.34 -10.70 -21.84
C ASN A 110 -7.38 -11.07 -23.32
N ILE A 111 -6.27 -10.85 -24.03
CA ILE A 111 -6.18 -11.31 -25.42
C ILE A 111 -5.73 -12.77 -25.46
N ASP A 112 -5.96 -13.43 -26.59
CA ASP A 112 -5.53 -14.83 -26.73
C ASP A 112 -4.03 -14.84 -27.01
N THR A 113 -3.23 -15.08 -25.98
CA THR A 113 -1.79 -14.97 -26.13
C THR A 113 -1.18 -16.08 -26.99
N LYS A 114 -1.87 -17.22 -27.09
CA LYS A 114 -1.43 -18.28 -28.00
C LYS A 114 -1.46 -17.81 -29.45
N LYS A 115 -2.40 -16.92 -29.76
CA LYS A 115 -2.65 -16.45 -31.12
C LYS A 115 -1.95 -15.14 -31.47
N ARG A 116 -1.78 -14.27 -30.48
CA ARG A 116 -1.37 -12.90 -30.75
C ARG A 116 0.04 -12.56 -30.26
N CYS A 117 0.74 -13.54 -29.72
CA CYS A 117 2.03 -13.26 -29.11
C CYS A 117 3.17 -14.11 -29.65
N LYS A 118 3.33 -14.08 -30.97
CA LYS A 118 4.44 -14.72 -31.68
C LYS A 118 3.94 -15.65 -32.78
N ASN B 1 1.76 -3.57 10.74
CA ASN B 1 2.73 -2.69 11.38
C ASN B 1 2.60 -1.23 10.92
N LEU B 2 3.42 -0.33 11.48
CA LEU B 2 3.25 1.10 11.18
C LEU B 2 3.48 1.49 9.70
N ILE B 3 4.42 0.82 9.04
CA ILE B 3 4.64 1.03 7.61
C ILE B 3 3.42 0.63 6.80
N GLN B 4 2.81 -0.51 7.14
CA GLN B 4 1.55 -0.92 6.52
C GLN B 4 0.41 0.07 6.75
N PHE B 5 0.27 0.54 8.00
CA PHE B 5 -0.71 1.58 8.31
C PHE B 5 -0.55 2.78 7.36
N GLY B 6 0.69 3.23 7.17
CA GLY B 6 0.95 4.35 6.27
C GLY B 6 0.49 4.03 4.85
N ASN B 7 0.80 2.83 4.39
CA ASN B 7 0.31 2.36 3.10
C ASN B 7 -1.22 2.38 3.05
N MET B 8 -1.87 1.99 4.14
CA MET B 8 -3.34 1.97 4.18
C MET B 8 -3.91 3.37 4.05
N ILE B 9 -3.27 4.31 4.74
CA ILE B 9 -3.73 5.69 4.72
C ILE B 9 -3.76 6.18 3.27
N GLN B 10 -2.68 5.90 2.52
CA GLN B 10 -2.59 6.30 1.11
C GLN B 10 -3.65 5.62 0.25
N CYS B 11 -3.92 4.34 0.53
CA CYS B 11 -4.96 3.61 -0.15
C CYS B 11 -6.32 4.29 0.04
N ALA B 12 -6.67 4.53 1.30
CA ALA B 12 -8.01 5.05 1.64
C ALA B 12 -8.27 6.47 1.12
N ASN B 13 -7.25 7.33 1.13
CA ASN B 13 -7.40 8.70 0.66
C ASN B 13 -7.05 8.90 -0.82
N LYS B 14 -6.88 7.79 -1.54
CA LYS B 14 -6.54 7.82 -2.96
C LYS B 14 -5.43 8.82 -3.27
N GLY B 15 -4.40 8.80 -2.44
CA GLY B 15 -3.19 9.57 -2.69
C GLY B 15 -3.37 11.06 -2.54
N SER B 16 -4.42 11.48 -1.83
CA SER B 16 -4.70 12.90 -1.63
C SER B 16 -3.72 13.60 -0.68
N ARG B 17 -3.11 12.85 0.23
CA ARG B 17 -2.19 13.42 1.19
C ARG B 17 -1.21 12.36 1.67
N PRO B 18 0.07 12.73 1.84
CA PRO B 18 1.07 11.78 2.36
C PRO B 18 0.77 11.32 3.78
N SER B 19 1.13 10.08 4.09
CA SER B 19 0.83 9.51 5.39
C SER B 19 1.63 10.17 6.52
N LEU B 20 2.81 10.68 6.19
CA LEU B 20 3.66 11.36 7.15
C LEU B 20 2.98 12.63 7.70
N ASP B 21 2.07 13.21 6.92
CA ASP B 21 1.30 14.37 7.36
C ASP B 21 0.47 14.09 8.61
N TYR B 22 0.18 12.81 8.86
CA TYR B 22 -0.71 12.43 9.97
C TYR B 22 0.06 12.00 11.22
N ALA B 23 1.39 11.97 11.14
CA ALA B 23 2.21 11.38 12.20
C ALA B 23 2.28 12.18 13.51
N ASP B 24 2.11 13.49 13.44
CA ASP B 24 2.11 14.33 14.63
C ASP B 24 1.01 15.38 14.45
N TYR B 25 -0.22 14.96 14.71
CA TYR B 25 -1.35 15.84 14.47
C TYR B 25 -2.26 15.86 15.70
N GLY B 26 -2.73 17.04 16.08
CA GLY B 26 -3.69 17.18 17.17
C GLY B 26 -3.14 16.62 18.47
N CYS B 27 -4.06 16.22 19.34
CA CYS B 27 -3.67 15.73 20.65
C CYS B 27 -3.39 14.23 20.62
N TYR B 28 -3.91 13.53 19.61
CA TYR B 28 -3.89 12.07 19.63
C TYR B 28 -3.05 11.37 18.56
N CYS B 29 -2.85 12.01 17.40
CA CYS B 29 -2.06 11.44 16.33
C CYS B 29 -0.56 11.53 16.69
N GLY B 30 0.09 10.38 16.85
CA GLY B 30 1.47 10.38 17.30
C GLY B 30 1.58 9.95 18.75
N TRP B 31 2.72 10.23 19.38
CA TRP B 31 2.95 9.67 20.72
C TRP B 31 1.93 10.10 21.75
N GLY B 32 1.47 9.15 22.55
CA GLY B 32 0.50 9.41 23.59
C GLY B 32 -0.81 9.96 23.04
N GLY B 33 -1.51 10.71 23.89
CA GLY B 33 -2.82 11.22 23.55
C GLY B 33 -3.55 11.53 24.84
N SER B 34 -4.00 12.76 24.97
CA SER B 34 -4.63 13.21 26.19
C SER B 34 -5.56 14.35 25.86
N GLY B 35 -6.56 14.56 26.72
CA GLY B 35 -7.49 15.66 26.56
C GLY B 35 -8.53 15.43 25.47
N THR B 36 -9.24 16.49 25.11
CA THR B 36 -10.25 16.40 24.08
C THR B 36 -9.61 16.61 22.70
N PRO B 37 -9.86 15.68 21.77
CA PRO B 37 -9.37 15.85 20.39
C PRO B 37 -9.78 17.21 19.83
N VAL B 38 -8.91 17.83 19.05
CA VAL B 38 -9.17 19.20 18.59
C VAL B 38 -10.08 19.30 17.36
N ASP B 39 -10.25 18.20 16.63
CA ASP B 39 -11.10 18.21 15.45
C ASP B 39 -11.44 16.79 15.00
N GLU B 40 -12.08 16.68 13.84
CA GLU B 40 -12.55 15.39 13.34
C GLU B 40 -11.43 14.39 13.15
N LEU B 41 -10.35 14.83 12.51
CA LEU B 41 -9.24 13.94 12.25
C LEU B 41 -8.61 13.44 13.55
N ASP B 42 -8.44 14.35 14.53
CA ASP B 42 -7.91 14.01 15.85
C ASP B 42 -8.81 12.99 16.54
N ARG B 43 -10.12 13.06 16.28
CA ARG B 43 -11.04 12.07 16.84
C ARG B 43 -10.78 10.67 16.27
N CYS B 44 -10.45 10.61 14.98
CA CYS B 44 -10.02 9.37 14.36
C CYS B 44 -8.85 8.78 15.13
N CYS B 45 -7.88 9.63 15.46
CA CYS B 45 -6.68 9.17 16.16
C CYS B 45 -6.96 8.72 17.59
N GLN B 46 -7.89 9.39 18.25
CA GLN B 46 -8.29 8.96 19.59
C GLN B 46 -8.86 7.56 19.54
N VAL B 47 -9.73 7.31 18.57
CA VAL B 47 -10.30 5.98 18.39
C VAL B 47 -9.19 4.97 18.11
N HIS B 48 -8.23 5.35 17.28
CA HIS B 48 -7.11 4.47 16.92
C HIS B 48 -6.25 4.16 18.13
N ASP B 49 -5.97 5.19 18.93
CA ASP B 49 -5.24 5.03 20.18
C ASP B 49 -5.94 4.01 21.08
N ASN B 50 -7.25 4.12 21.21
CA ASN B 50 -8.00 3.19 22.05
C ASN B 50 -7.96 1.77 21.49
N CYS B 51 -7.92 1.65 20.17
CA CYS B 51 -7.88 0.35 19.50
C CYS B 51 -6.51 -0.32 19.76
N TYR B 52 -5.44 0.47 19.69
CA TYR B 52 -4.11 -0.04 20.01
C TYR B 52 -4.00 -0.43 21.48
N GLU B 53 -4.71 0.30 22.34
CA GLU B 53 -4.74 -0.01 23.76
C GLU B 53 -5.36 -1.39 23.96
N GLN B 54 -6.51 -1.60 23.33
CA GLN B 54 -7.21 -2.87 23.36
C GLN B 54 -6.40 -4.00 22.71
N ALA B 55 -5.60 -3.69 21.70
CA ALA B 55 -4.73 -4.70 21.10
C ALA B 55 -3.66 -5.10 22.10
N GLY B 56 -3.13 -4.13 22.82
CA GLY B 56 -2.10 -4.39 23.83
C GLY B 56 -2.58 -5.26 24.98
N LYS B 57 -3.81 -5.00 25.44
CA LYS B 57 -4.45 -5.81 26.47
C LYS B 57 -4.69 -7.25 26.01
N LYS B 58 -4.73 -7.48 24.70
CA LYS B 58 -4.87 -8.83 24.15
C LYS B 58 -3.52 -9.50 23.86
N GLY B 59 -2.43 -8.86 24.29
CA GLY B 59 -1.11 -9.43 24.08
C GLY B 59 -0.41 -9.02 22.78
N CYS B 60 -1.01 -8.08 22.03
CA CYS B 60 -0.42 -7.67 20.76
C CYS B 60 0.57 -6.53 20.91
N PHE B 61 1.47 -6.41 19.95
CA PHE B 61 2.37 -5.28 19.84
C PHE B 61 1.99 -4.60 18.53
N PRO B 62 0.94 -3.76 18.56
CA PRO B 62 0.32 -3.29 17.31
C PRO B 62 1.27 -2.55 16.37
N LYS B 63 2.31 -1.92 16.89
CA LYS B 63 3.27 -1.28 16.01
C LYS B 63 4.08 -2.28 15.21
N LEU B 64 4.20 -3.51 15.74
CA LEU B 64 5.01 -4.56 15.12
C LEU B 64 4.22 -5.63 14.33
N THR B 65 2.99 -5.88 14.75
CA THR B 65 2.16 -6.92 14.15
C THR B 65 2.24 -6.87 12.63
N LEU B 66 2.57 -7.99 12.02
CA LEU B 66 2.69 -8.05 10.57
C LEU B 66 1.49 -8.79 10.04
N TYR B 67 0.55 -8.03 9.49
CA TYR B 67 -0.68 -8.62 8.95
C TYR B 67 -0.65 -8.68 7.43
N SER B 68 -1.71 -9.20 6.82
CA SER B 68 -1.87 -9.20 5.38
C SER B 68 -3.10 -8.35 5.06
N TRP B 69 -2.95 -7.44 4.10
CA TRP B 69 -4.04 -6.56 3.69
C TRP B 69 -3.92 -6.23 2.21
N LYS B 70 -5.00 -5.75 1.62
CA LYS B 70 -5.05 -5.44 0.20
C LYS B 70 -5.79 -4.14 -0.01
N CYS B 71 -5.25 -3.29 -0.87
CA CYS B 71 -5.96 -2.08 -1.23
C CYS B 71 -6.90 -2.36 -2.40
N THR B 72 -8.20 -2.42 -2.13
CA THR B 72 -9.18 -2.83 -3.12
C THR B 72 -10.35 -1.85 -3.14
N GLY B 73 -10.72 -1.38 -4.33
CA GLY B 73 -11.77 -0.38 -4.44
C GLY B 73 -11.47 0.80 -3.53
N ASN B 74 -10.18 1.12 -3.40
CA ASN B 74 -9.75 2.27 -2.60
C ASN B 74 -10.06 2.09 -1.10
N VAL B 75 -10.23 0.84 -0.68
CA VAL B 75 -10.47 0.52 0.72
C VAL B 75 -9.44 -0.47 1.23
N PRO B 76 -8.74 -0.11 2.31
CA PRO B 76 -7.84 -1.10 2.92
C PRO B 76 -8.64 -2.27 3.48
N THR B 77 -8.27 -3.47 3.07
CA THR B 77 -9.06 -4.66 3.32
C THR B 77 -8.19 -5.73 3.95
N CYS B 78 -8.55 -6.14 5.16
CA CYS B 78 -7.74 -7.12 5.89
C CYS B 78 -7.94 -8.54 5.37
N ASN B 79 -6.81 -9.22 5.14
CA ASN B 79 -6.84 -10.61 4.74
C ASN B 79 -6.63 -11.45 5.97
N SER B 80 -5.87 -10.88 6.90
CA SER B 80 -5.36 -11.65 8.00
C SER B 80 -6.35 -12.49 8.80
N LYS B 81 -6.00 -13.76 8.84
CA LYS B 81 -6.20 -14.66 9.94
C LYS B 81 -6.53 -13.97 11.24
N PRO B 82 -7.02 -14.75 12.21
CA PRO B 82 -7.52 -14.25 13.48
C PRO B 82 -6.38 -13.66 14.29
N GLY B 83 -6.64 -13.49 15.57
CA GLY B 83 -5.64 -13.07 16.52
C GLY B 83 -5.15 -11.65 16.30
N CYS B 84 -3.99 -11.36 16.87
CA CYS B 84 -3.42 -10.02 16.76
C CYS B 84 -3.38 -9.49 15.33
N LYS B 85 -3.07 -10.36 14.36
CA LYS B 85 -2.97 -9.91 12.97
C LYS B 85 -4.29 -9.33 12.47
N SER B 86 -5.38 -10.08 12.64
CA SER B 86 -6.72 -9.62 12.34
C SER B 86 -7.11 -8.38 13.14
N PHE B 87 -6.82 -8.41 14.44
CA PHE B 87 -7.24 -7.31 15.31
C PHE B 87 -6.55 -6.00 14.95
N VAL B 88 -5.22 -6.03 14.85
CA VAL B 88 -4.46 -4.82 14.55
C VAL B 88 -4.74 -4.32 13.13
N CYS B 89 -4.91 -5.25 12.19
CA CYS B 89 -5.22 -4.83 10.83
C CYS B 89 -6.56 -4.09 10.83
N ALA B 90 -7.53 -4.58 11.59
CA ALA B 90 -8.80 -3.88 11.73
C ALA B 90 -8.64 -2.48 12.31
N CYS B 91 -7.81 -2.33 13.34
CA CYS B 91 -7.58 -1.00 13.94
C CYS B 91 -7.11 -0.04 12.86
N ASP B 92 -6.11 -0.47 12.09
CA ASP B 92 -5.49 0.38 11.08
C ASP B 92 -6.39 0.69 9.89
N ALA B 93 -7.10 -0.31 9.39
CA ALA B 93 -7.96 -0.08 8.23
C ALA B 93 -9.05 0.89 8.61
N ALA B 94 -9.60 0.73 9.82
CA ALA B 94 -10.63 1.63 10.32
C ALA B 94 -10.12 3.07 10.41
N ALA B 95 -8.94 3.24 11.00
CA ALA B 95 -8.33 4.56 11.12
C ALA B 95 -8.06 5.16 9.74
N ALA B 96 -7.55 4.35 8.82
CA ALA B 96 -7.26 4.83 7.47
C ALA B 96 -8.52 5.39 6.80
N LYS B 97 -9.62 4.66 6.92
CA LYS B 97 -10.91 5.09 6.39
C LYS B 97 -11.38 6.38 7.03
N CYS B 98 -11.20 6.47 8.35
CA CYS B 98 -11.62 7.63 9.10
C CYS B 98 -10.79 8.86 8.72
N PHE B 99 -9.48 8.68 8.56
CA PHE B 99 -8.60 9.80 8.16
C PHE B 99 -9.06 10.34 6.82
N ALA B 100 -9.35 9.43 5.90
CA ALA B 100 -9.64 9.77 4.53
C ALA B 100 -10.90 10.64 4.38
N LYS B 101 -11.87 10.45 5.30
CA LYS B 101 -13.14 11.17 5.21
C LYS B 101 -13.05 12.54 5.88
N ALA B 102 -12.08 12.69 6.78
CA ALA B 102 -11.98 13.90 7.60
C ALA B 102 -11.12 14.98 6.94
N PRO B 103 -11.46 16.26 7.18
CA PRO B 103 -10.68 17.34 6.60
C PRO B 103 -9.35 17.55 7.34
N TYR B 104 -8.26 17.62 6.59
CA TYR B 104 -6.96 17.88 7.19
C TYR B 104 -6.83 19.39 7.43
N LYS B 105 -6.48 19.75 8.66
CA LYS B 105 -6.36 21.15 9.05
C LYS B 105 -4.94 21.46 9.52
N LYS B 106 -4.18 22.19 8.71
CA LYS B 106 -2.76 22.34 8.96
C LYS B 106 -2.50 23.01 10.29
N GLU B 107 -3.38 23.91 10.69
CA GLU B 107 -3.23 24.61 11.96
C GLU B 107 -3.22 23.65 13.15
N ASN B 108 -3.73 22.45 12.95
CA ASN B 108 -3.76 21.43 14.00
C ASN B 108 -2.63 20.41 13.91
N TYR B 109 -1.71 20.62 12.98
CA TYR B 109 -0.55 19.77 12.80
C TYR B 109 0.62 20.18 13.70
N ASN B 110 1.26 19.21 14.34
CA ASN B 110 2.43 19.50 15.17
C ASN B 110 2.16 20.64 16.14
N ILE B 111 1.13 20.47 16.98
CA ILE B 111 0.79 21.48 17.98
C ILE B 111 1.51 21.19 19.28
N ASP B 112 1.62 22.21 20.12
CA ASP B 112 2.21 22.03 21.44
C ASP B 112 1.20 21.28 22.30
N THR B 113 1.40 19.97 22.46
CA THR B 113 0.40 19.14 23.15
C THR B 113 0.29 19.43 24.65
N LYS B 114 1.35 19.97 25.25
CA LYS B 114 1.29 20.34 26.65
C LYS B 114 0.38 21.56 26.87
N LYS B 115 0.29 22.42 25.86
CA LYS B 115 -0.49 23.65 25.96
C LYS B 115 -1.94 23.48 25.51
N ARG B 116 -2.17 22.55 24.59
CA ARG B 116 -3.48 22.44 23.97
C ARG B 116 -4.27 21.18 24.31
N CYS B 117 -3.66 20.25 25.04
CA CYS B 117 -4.29 18.93 25.23
C CYS B 117 -4.70 18.52 26.64
N LYS B 118 -5.83 19.05 27.10
CA LYS B 118 -6.47 18.59 28.33
C LYS B 118 -7.64 19.47 28.74
#